data_8QUY
#
_entry.id   8QUY
#
_cell.length_a   90.760
_cell.length_b   90.760
_cell.length_c   57.000
_cell.angle_alpha   90.00
_cell.angle_beta   90.00
_cell.angle_gamma   120.00
#
_symmetry.space_group_name_H-M   'P 6'
#
loop_
_entity.id
_entity.type
_entity.pdbx_description
1 polymer 'Spacer peptide 1'
2 non-polymer 4-[(4-methylphenyl)methyl]-1~{H}-quinoxaline-2,3-dione
3 non-polymer 1,2-ETHANEDIOL
4 water water
#
_entity_poly.entity_id   1
_entity_poly.type   'polypeptide(L)'
_entity_poly.pdbx_seq_one_letter_code
;PIVQNLQGQMVHQCISPRTLNAWVKVVEEKAFSPEVIPMFSALSCGATPQDLNTMLNTVGGHQAAMQMLKETINEEAAEW
DRLHPVHAGPIAPGQMREPRGSDIAGTTSTLQEQIGWMTHNPPIPVGEIYKRWIILGLNKIVRMYSPTSILDIRQGPKEP
FRDYVDRFYKTLRAEQASQEVKNAATETLLVQNANPDCKTILKALGPGATLEEMMTACQGVGGPGHKARVL
;
_entity_poly.pdbx_strand_id   A
#
# COMPACT_ATOMS: atom_id res chain seq x y z
N PRO A 1 -5.20 -2.41 -18.42
CA PRO A 1 -6.01 -1.37 -17.74
C PRO A 1 -7.10 -0.85 -18.59
N ILE A 2 -7.99 -0.08 -17.97
CA ILE A 2 -9.03 0.58 -18.70
C ILE A 2 -8.66 2.04 -18.80
N VAL A 3 -8.58 2.55 -20.01
CA VAL A 3 -8.20 3.95 -20.30
C VAL A 3 -9.20 4.66 -21.22
N GLN A 4 -9.10 5.98 -21.17
CA GLN A 4 -9.78 6.84 -22.10
C GLN A 4 -8.90 6.92 -23.30
N ASN A 5 -9.49 6.69 -24.41
CA ASN A 5 -8.70 6.80 -25.64
C ASN A 5 -8.50 8.35 -25.95
N LEU A 6 -7.99 8.71 -27.13
CA LEU A 6 -7.92 10.15 -27.55
C LEU A 6 -9.27 10.83 -27.94
N GLN A 7 -10.34 10.03 -28.04
CA GLN A 7 -11.72 10.43 -28.37
C GLN A 7 -12.70 10.37 -27.13
N GLY A 8 -12.23 10.07 -25.92
CA GLY A 8 -13.15 9.99 -24.73
C GLY A 8 -14.08 8.78 -24.40
N GLN A 9 -13.93 7.59 -25.02
CA GLN A 9 -14.61 6.35 -24.52
C GLN A 9 -13.62 5.47 -23.62
N MET A 10 -14.17 4.67 -22.70
CA MET A 10 -13.38 3.85 -21.75
C MET A 10 -13.11 2.50 -22.35
N VAL A 11 -11.84 2.26 -22.67
CA VAL A 11 -11.48 0.99 -23.29
C VAL A 11 -10.32 0.24 -22.64
N HIS A 12 -10.26 -1.06 -22.91
CA HIS A 12 -9.27 -1.90 -22.41
C HIS A 12 -8.02 -1.75 -23.24
N GLN A 13 -6.94 -1.49 -22.55
CA GLN A 13 -5.53 -1.61 -23.11
C GLN A 13 -4.71 -2.71 -22.44
N CYS A 14 -3.82 -3.35 -23.20
CA CYS A 14 -2.89 -4.36 -22.66
C CYS A 14 -1.96 -3.66 -21.62
N ILE A 15 -1.61 -4.37 -20.56
CA ILE A 15 -0.61 -3.92 -19.67
C ILE A 15 0.69 -3.88 -20.40
N SER A 16 1.42 -2.80 -20.20
CA SER A 16 2.65 -2.59 -21.01
C SER A 16 3.87 -3.32 -20.43
N PRO A 17 4.82 -3.64 -21.32
CA PRO A 17 6.07 -4.21 -20.89
C PRO A 17 6.82 -3.33 -19.91
N ARG A 18 6.74 -2.03 -20.08
CA ARG A 18 7.40 -1.17 -19.16
C ARG A 18 6.78 -1.23 -17.77
N THR A 19 5.45 -1.26 -17.73
CA THR A 19 4.78 -1.43 -16.43
C THR A 19 5.21 -2.76 -15.75
N LEU A 20 5.10 -3.85 -16.48
CA LEU A 20 5.44 -5.23 -15.92
C LEU A 20 6.81 -5.27 -15.33
N ASN A 21 7.78 -4.72 -16.09
CA ASN A 21 9.15 -4.69 -15.70
C ASN A 21 9.43 -3.76 -14.49
N ALA A 22 8.84 -2.60 -14.48
CA ALA A 22 8.88 -1.71 -13.32
C ALA A 22 8.51 -2.37 -12.01
N TRP A 23 7.40 -3.09 -11.98
CA TRP A 23 6.93 -3.67 -10.77
C TRP A 23 7.87 -4.80 -10.36
N VAL A 24 8.19 -5.71 -11.30
CA VAL A 24 9.13 -6.80 -10.94
C VAL A 24 10.42 -6.26 -10.34
N LYS A 25 10.99 -5.26 -10.96
CA LYS A 25 12.25 -4.68 -10.50
C LYS A 25 12.11 -3.95 -9.17
N VAL A 26 11.02 -3.24 -8.93
CA VAL A 26 10.90 -2.56 -7.62
C VAL A 26 10.84 -3.58 -6.48
N VAL A 27 10.12 -4.67 -6.69
CA VAL A 27 10.10 -5.76 -5.77
C VAL A 27 11.45 -6.44 -5.60
N GLU A 28 12.19 -6.64 -6.67
CA GLU A 28 13.49 -7.17 -6.60
C GLU A 28 14.42 -6.28 -5.78
N GLU A 29 14.32 -4.98 -5.93
CA GLU A 29 15.28 -4.12 -5.34
C GLU A 29 14.89 -3.71 -3.88
N LYS A 30 13.61 -3.59 -3.57
CA LYS A 30 13.13 -2.94 -2.34
C LYS A 30 12.36 -3.90 -1.45
N ALA A 31 12.03 -5.08 -1.99
CA ALA A 31 11.17 -6.03 -1.24
C ALA A 31 9.94 -5.30 -0.67
N PHE A 32 9.66 -5.41 0.64
CA PHE A 32 8.45 -4.74 1.19
C PHE A 32 8.82 -3.61 2.10
N SER A 33 9.82 -2.86 1.63
CA SER A 33 9.97 -1.54 2.18
C SER A 33 8.65 -0.72 1.88
N PRO A 34 8.26 0.15 2.83
CA PRO A 34 6.93 0.80 2.70
C PRO A 34 6.67 1.58 1.43
N GLU A 35 7.71 2.14 0.82
CA GLU A 35 7.53 2.94 -0.40
C GLU A 35 7.16 2.08 -1.62
N VAL A 36 7.26 0.77 -1.49
CA VAL A 36 6.80 -0.14 -2.51
C VAL A 36 5.30 -0.08 -2.72
N ILE A 37 4.55 0.18 -1.67
CA ILE A 37 3.11 0.23 -1.78
C ILE A 37 2.53 1.35 -2.68
N PRO A 38 2.92 2.56 -2.44
CA PRO A 38 2.52 3.65 -3.35
C PRO A 38 3.02 3.42 -4.77
N MET A 39 4.17 2.76 -4.95
CA MET A 39 4.61 2.45 -6.32
C MET A 39 3.59 1.44 -6.95
N PHE A 40 3.23 0.44 -6.20
CA PHE A 40 2.24 -0.55 -6.67
C PHE A 40 0.96 0.13 -7.08
N SER A 41 0.47 1.02 -6.23
CA SER A 41 -0.76 1.70 -6.50
C SER A 41 -0.68 2.51 -7.79
N ALA A 42 0.48 3.15 -8.00
CA ALA A 42 0.64 4.00 -9.19
C ALA A 42 0.85 3.18 -10.48
N LEU A 43 1.59 2.10 -10.35
CA LEU A 43 1.83 1.27 -11.50
C LEU A 43 0.56 0.56 -11.94
N SER A 44 -0.41 0.39 -11.03
CA SER A 44 -1.69 -0.31 -11.35
C SER A 44 -2.89 0.69 -11.53
N CYS A 45 -2.59 1.94 -11.92
CA CYS A 45 -3.57 2.93 -12.20
C CYS A 45 -4.47 2.44 -13.39
N GLY A 46 -5.73 2.32 -13.14
CA GLY A 46 -6.68 1.83 -14.17
C GLY A 46 -6.76 0.30 -14.29
N ALA A 47 -6.11 -0.43 -13.40
CA ALA A 47 -5.98 -1.89 -13.60
C ALA A 47 -7.32 -2.58 -13.50
N THR A 48 -7.53 -3.57 -14.37
CA THR A 48 -8.60 -4.57 -14.08
C THR A 48 -8.12 -5.60 -12.95
N PRO A 49 -9.01 -6.38 -12.39
CA PRO A 49 -8.58 -7.48 -11.53
C PRO A 49 -7.59 -8.44 -12.20
N GLN A 50 -7.78 -8.70 -13.51
CA GLN A 50 -6.86 -9.50 -14.26
C GLN A 50 -5.43 -8.87 -14.17
N ASP A 51 -5.33 -7.60 -14.42
CA ASP A 51 -4.08 -6.88 -14.38
C ASP A 51 -3.36 -6.95 -12.98
N LEU A 52 -4.15 -6.80 -11.92
CA LEU A 52 -3.69 -6.83 -10.56
C LEU A 52 -3.11 -8.22 -10.28
N ASN A 53 -3.80 -9.28 -10.76
CA ASN A 53 -3.32 -10.64 -10.60
C ASN A 53 -2.01 -10.84 -11.38
N THR A 54 -1.93 -10.25 -12.55
CA THR A 54 -0.76 -10.35 -13.36
C THR A 54 0.43 -9.80 -12.59
N MET A 55 0.26 -8.63 -12.03
CA MET A 55 1.37 -7.95 -11.37
C MET A 55 1.83 -8.82 -10.14
N LEU A 56 0.88 -9.32 -9.35
CA LEU A 56 1.22 -10.13 -8.20
C LEU A 56 1.88 -11.48 -8.62
N ASN A 57 1.39 -12.10 -9.67
CA ASN A 57 1.84 -13.39 -10.13
C ASN A 57 3.26 -13.34 -10.76
N THR A 58 3.65 -12.20 -11.30
CA THR A 58 4.92 -12.06 -11.91
C THR A 58 6.04 -11.92 -10.94
N VAL A 59 5.72 -11.73 -9.67
CA VAL A 59 6.68 -11.79 -8.61
C VAL A 59 7.21 -13.25 -8.33
N GLY A 60 8.53 -13.43 -8.44
CA GLY A 60 9.09 -14.79 -8.35
C GLY A 60 9.45 -15.09 -6.90
N GLY A 61 9.94 -14.16 -6.13
CA GLY A 61 10.27 -14.59 -4.68
C GLY A 61 9.12 -14.28 -3.75
N HIS A 62 9.44 -14.10 -2.49
CA HIS A 62 8.49 -13.63 -1.51
C HIS A 62 7.21 -14.42 -1.46
N GLN A 63 7.32 -15.73 -1.66
CA GLN A 63 6.11 -16.51 -1.73
C GLN A 63 5.42 -16.65 -0.38
N ALA A 64 6.12 -16.47 0.74
CA ALA A 64 5.40 -16.51 2.03
C ALA A 64 4.48 -15.30 2.07
N ALA A 65 5.02 -14.14 1.70
CA ALA A 65 4.22 -12.92 1.61
C ALA A 65 3.00 -13.08 0.64
N MET A 66 3.23 -13.64 -0.56
CA MET A 66 2.12 -13.85 -1.49
C MET A 66 1.06 -14.78 -0.96
N GLN A 67 1.46 -15.80 -0.16
CA GLN A 67 0.44 -16.63 0.48
C GLN A 67 -0.34 -15.83 1.57
N MET A 68 0.34 -15.03 2.37
CA MET A 68 -0.34 -14.25 3.30
C MET A 68 -1.30 -13.32 2.59
N LEU A 69 -0.87 -12.72 1.46
CA LEU A 69 -1.75 -11.86 0.74
C LEU A 69 -3.10 -12.57 0.22
N LYS A 70 -2.98 -13.80 -0.24
CA LYS A 70 -4.09 -14.59 -0.61
C LYS A 70 -5.06 -14.73 0.53
N GLU A 71 -4.53 -14.92 1.75
CA GLU A 71 -5.36 -15.11 2.90
C GLU A 71 -6.15 -13.82 3.19
N THR A 72 -5.48 -12.69 3.11
CA THR A 72 -6.13 -11.41 3.29
C THR A 72 -7.24 -11.18 2.26
N ILE A 73 -6.93 -11.47 1.00
CA ILE A 73 -7.85 -11.31 -0.08
C ILE A 73 -9.08 -12.19 0.15
N ASN A 74 -8.90 -13.43 0.60
CA ASN A 74 -10.05 -14.30 0.91
C ASN A 74 -10.94 -13.78 2.04
N GLU A 75 -10.32 -13.26 3.09
CA GLU A 75 -11.02 -12.58 4.13
C GLU A 75 -11.89 -11.42 3.63
N GLU A 76 -11.33 -10.50 2.82
CA GLU A 76 -12.11 -9.35 2.29
C GLU A 76 -13.20 -9.84 1.33
N ALA A 77 -12.89 -10.85 0.54
CA ALA A 77 -13.85 -11.41 -0.39
C ALA A 77 -15.05 -11.95 0.42
N ALA A 78 -14.73 -12.56 1.54
CA ALA A 78 -15.78 -13.20 2.32
C ALA A 78 -16.65 -12.18 2.95
N GLU A 79 -16.08 -11.08 3.46
CA GLU A 79 -16.83 -9.91 3.90
C GLU A 79 -17.71 -9.18 2.79
N TRP A 80 -17.14 -8.96 1.60
CA TRP A 80 -17.93 -8.56 0.44
C TRP A 80 -19.19 -9.50 0.26
N ASP A 81 -18.98 -10.80 0.26
CA ASP A 81 -20.10 -11.71 0.07
C ASP A 81 -21.16 -11.62 1.17
N ARG A 82 -20.76 -11.24 2.37
CA ARG A 82 -21.71 -11.05 3.47
C ARG A 82 -22.54 -9.81 3.26
N LEU A 83 -21.91 -8.74 2.79
CA LEU A 83 -22.54 -7.49 2.52
C LEU A 83 -23.34 -7.43 1.22
N HIS A 84 -22.99 -8.25 0.24
CA HIS A 84 -23.53 -8.12 -1.12
C HIS A 84 -23.75 -9.48 -1.69
N PRO A 85 -24.65 -10.25 -1.05
CA PRO A 85 -25.01 -11.53 -1.63
C PRO A 85 -25.66 -11.40 -3.03
N VAL A 86 -25.37 -12.38 -3.88
CA VAL A 86 -25.77 -12.43 -5.28
C VAL A 86 -26.88 -13.50 -5.51
N HIS A 87 -27.72 -13.33 -6.54
CA HIS A 87 -28.82 -14.30 -6.83
C HIS A 87 -28.22 -15.55 -7.37
N ALA A 88 -28.58 -16.70 -6.80
CA ALA A 88 -28.29 -17.98 -7.45
C ALA A 88 -29.26 -18.13 -8.64
N GLY A 89 -28.95 -19.10 -9.50
CA GLY A 89 -29.79 -19.36 -10.68
C GLY A 89 -29.41 -18.50 -11.88
N PRO A 90 -30.02 -18.79 -13.06
CA PRO A 90 -29.42 -18.35 -14.32
C PRO A 90 -29.52 -16.82 -14.60
N ILE A 91 -28.54 -16.34 -15.35
CA ILE A 91 -28.47 -14.91 -15.65
C ILE A 91 -29.60 -14.57 -16.67
N ALA A 92 -30.27 -13.44 -16.47
CA ALA A 92 -30.99 -12.81 -17.54
C ALA A 92 -30.19 -12.77 -18.84
N PRO A 93 -30.72 -13.37 -19.96
CA PRO A 93 -30.00 -13.35 -21.25
C PRO A 93 -29.56 -11.97 -21.68
N GLY A 94 -28.25 -11.89 -21.97
CA GLY A 94 -27.62 -10.65 -22.35
C GLY A 94 -27.36 -9.63 -21.26
N GLN A 95 -27.70 -9.91 -20.00
CA GLN A 95 -27.59 -8.89 -18.96
C GLN A 95 -26.32 -9.15 -18.04
N MET A 96 -25.91 -8.11 -17.36
CA MET A 96 -24.77 -8.09 -16.45
C MET A 96 -25.10 -8.80 -15.16
N ARG A 97 -24.35 -9.85 -14.81
CA ARG A 97 -24.53 -10.51 -13.48
C ARG A 97 -23.84 -9.65 -12.41
N GLU A 98 -24.27 -9.75 -11.16
CA GLU A 98 -23.58 -9.04 -10.05
C GLU A 98 -22.28 -9.76 -9.59
N PRO A 99 -21.22 -8.97 -9.21
CA PRO A 99 -19.96 -9.64 -8.88
C PRO A 99 -19.92 -10.15 -7.43
N ARG A 100 -19.43 -11.36 -7.26
CA ARG A 100 -19.14 -11.95 -5.97
C ARG A 100 -17.69 -11.56 -5.61
N GLY A 101 -17.24 -11.92 -4.40
CA GLY A 101 -15.86 -11.60 -3.94
C GLY A 101 -14.79 -12.15 -4.89
N SER A 102 -14.98 -13.42 -5.27
CA SER A 102 -14.06 -14.08 -6.14
C SER A 102 -14.09 -13.53 -7.58
N ASP A 103 -15.16 -12.80 -7.92
CA ASP A 103 -15.24 -12.15 -9.24
C ASP A 103 -14.43 -10.85 -9.17
N ILE A 104 -14.50 -10.16 -8.05
CA ILE A 104 -13.72 -8.96 -7.79
C ILE A 104 -12.23 -9.30 -7.81
N ALA A 105 -11.86 -10.42 -7.17
CA ALA A 105 -10.43 -10.89 -7.08
C ALA A 105 -9.95 -11.55 -8.35
N GLY A 106 -10.82 -11.63 -9.34
CA GLY A 106 -10.48 -12.06 -10.68
C GLY A 106 -10.31 -13.55 -10.91
N THR A 107 -10.67 -14.33 -9.94
CA THR A 107 -10.44 -15.77 -9.93
C THR A 107 -11.67 -16.53 -10.60
N THR A 108 -12.89 -15.97 -10.51
CA THR A 108 -14.08 -16.54 -11.12
C THR A 108 -14.73 -15.66 -12.17
N SER A 109 -14.12 -14.52 -12.52
CA SER A 109 -14.67 -13.63 -13.54
C SER A 109 -13.76 -13.59 -14.78
N THR A 110 -14.37 -13.40 -15.96
CA THR A 110 -13.58 -13.21 -17.18
C THR A 110 -13.22 -11.75 -17.37
N LEU A 111 -12.20 -11.54 -18.18
CA LEU A 111 -11.81 -10.18 -18.56
C LEU A 111 -12.98 -9.40 -19.13
N GLN A 112 -13.76 -9.99 -20.07
CA GLN A 112 -14.94 -9.38 -20.53
C GLN A 112 -15.92 -8.96 -19.42
N GLU A 113 -16.18 -9.82 -18.46
CA GLU A 113 -17.07 -9.40 -17.32
C GLU A 113 -16.52 -8.19 -16.54
N GLN A 114 -15.22 -8.26 -16.33
CA GLN A 114 -14.53 -7.20 -15.56
C GLN A 114 -14.68 -5.85 -16.29
N ILE A 115 -14.39 -5.88 -17.57
CA ILE A 115 -14.60 -4.71 -18.42
C ILE A 115 -16.05 -4.21 -18.38
N GLY A 116 -16.98 -5.12 -18.54
CA GLY A 116 -18.42 -4.77 -18.42
C GLY A 116 -18.76 -4.09 -17.11
N TRP A 117 -18.22 -4.59 -15.99
CA TRP A 117 -18.48 -3.91 -14.72
C TRP A 117 -17.85 -2.55 -14.64
N MET A 118 -16.62 -2.47 -15.10
CA MET A 118 -15.87 -1.27 -14.82
C MET A 118 -16.31 -0.12 -15.73
N THR A 119 -16.94 -0.44 -16.86
CA THR A 119 -17.36 0.58 -17.85
C THR A 119 -18.87 0.71 -17.87
N HIS A 120 -19.57 0.08 -16.93
CA HIS A 120 -21.02 0.31 -16.74
C HIS A 120 -21.31 1.74 -16.35
N ASN A 121 -22.53 2.21 -16.62
CA ASN A 121 -22.94 3.52 -16.14
C ASN A 121 -24.00 3.37 -15.07
N PRO A 122 -23.68 3.68 -13.81
CA PRO A 122 -22.35 4.04 -13.34
C PRO A 122 -21.45 2.79 -13.10
N PRO A 123 -20.14 2.97 -13.07
CA PRO A 123 -19.25 1.81 -12.94
C PRO A 123 -19.42 1.00 -11.64
N ILE A 124 -19.25 -0.31 -11.74
CA ILE A 124 -19.05 -1.17 -10.55
C ILE A 124 -17.56 -1.35 -10.53
N PRO A 125 -16.85 -0.60 -9.67
CA PRO A 125 -15.42 -0.41 -9.86
C PRO A 125 -14.60 -1.60 -9.27
N VAL A 126 -14.67 -2.76 -9.92
CA VAL A 126 -14.10 -3.96 -9.38
C VAL A 126 -12.55 -3.90 -9.25
N GLY A 127 -11.88 -3.17 -10.15
CA GLY A 127 -10.47 -2.96 -10.11
C GLY A 127 -10.09 -2.19 -8.85
N GLU A 128 -10.78 -1.10 -8.56
CA GLU A 128 -10.49 -0.30 -7.35
C GLU A 128 -10.81 -1.05 -6.06
N ILE A 129 -11.90 -1.80 -6.04
CA ILE A 129 -12.26 -2.62 -4.87
C ILE A 129 -11.20 -3.65 -4.58
N TYR A 130 -10.76 -4.37 -5.64
CA TYR A 130 -9.76 -5.38 -5.42
C TYR A 130 -8.44 -4.76 -5.05
N LYS A 131 -8.12 -3.60 -5.62
CA LYS A 131 -6.87 -2.94 -5.28
C LYS A 131 -6.79 -2.58 -3.81
N ARG A 132 -7.91 -2.06 -3.25
CA ARG A 132 -7.97 -1.75 -1.83
CA ARG A 132 -7.96 -1.76 -1.82
C ARG A 132 -7.68 -3.00 -0.95
N TRP A 133 -8.23 -4.18 -1.29
CA TRP A 133 -8.03 -5.44 -0.56
C TRP A 133 -6.51 -5.80 -0.58
N ILE A 134 -5.92 -5.64 -1.78
CA ILE A 134 -4.54 -5.97 -2.03
C ILE A 134 -3.66 -5.06 -1.18
N ILE A 135 -3.97 -3.79 -1.15
CA ILE A 135 -3.15 -2.87 -0.41
C ILE A 135 -3.23 -3.11 1.09
N LEU A 136 -4.44 -3.38 1.56
CA LEU A 136 -4.70 -3.82 2.94
C LEU A 136 -3.75 -4.98 3.27
N GLY A 137 -3.67 -5.97 2.37
CA GLY A 137 -2.78 -7.11 2.53
C GLY A 137 -1.30 -6.77 2.53
N LEU A 138 -0.94 -5.88 1.61
CA LEU A 138 0.43 -5.48 1.48
C LEU A 138 0.91 -4.68 2.69
N ASN A 139 0.05 -3.85 3.27
CA ASN A 139 0.46 -3.12 4.43
C ASN A 139 0.78 -4.07 5.62
N LYS A 140 0.00 -5.14 5.76
CA LYS A 140 0.25 -6.14 6.79
C LYS A 140 1.62 -6.73 6.61
N ILE A 141 1.98 -7.02 5.35
CA ILE A 141 3.27 -7.55 5.01
C ILE A 141 4.38 -6.56 5.36
N VAL A 142 4.20 -5.28 5.02
CA VAL A 142 5.21 -4.26 5.32
C VAL A 142 5.53 -4.31 6.83
N ARG A 143 4.48 -4.34 7.60
CA ARG A 143 4.56 -4.31 9.08
C ARG A 143 5.24 -5.57 9.60
N MET A 144 4.91 -6.70 8.99
CA MET A 144 5.51 -7.93 9.35
C MET A 144 7.01 -7.90 9.08
N TYR A 145 7.43 -7.37 7.93
CA TYR A 145 8.81 -7.43 7.54
C TYR A 145 9.64 -6.24 8.14
N SER A 146 8.99 -5.36 8.86
CA SER A 146 9.71 -4.22 9.49
C SER A 146 10.70 -4.85 10.53
N PRO A 147 12.00 -4.61 10.40
CA PRO A 147 12.96 -5.37 11.21
C PRO A 147 13.16 -4.79 12.65
N THR A 148 12.74 -3.57 12.93
CA THR A 148 13.17 -2.86 14.21
C THR A 148 12.02 -2.11 14.83
N SER A 149 11.89 -2.22 16.14
CA SER A 149 10.93 -1.44 16.91
C SER A 149 11.45 0.02 16.99
N ILE A 150 10.53 0.95 17.08
CA ILE A 150 10.87 2.31 17.24
C ILE A 150 11.62 2.50 18.58
N LEU A 151 11.39 1.62 19.54
CA LEU A 151 12.07 1.78 20.82
C LEU A 151 13.57 1.59 20.71
N ASP A 152 14.04 0.89 19.67
CA ASP A 152 15.45 0.63 19.44
C ASP A 152 16.13 1.57 18.49
N ILE A 153 15.45 2.64 18.08
CA ILE A 153 16.07 3.67 17.27
C ILE A 153 16.50 4.73 18.22
N ARG A 154 17.81 4.69 18.49
CA ARG A 154 18.48 5.69 19.35
C ARG A 154 19.68 6.29 18.71
N GLN A 155 19.84 7.58 18.94
CA GLN A 155 20.88 8.35 18.31
C GLN A 155 22.26 7.96 18.90
N GLY A 156 23.16 7.65 18.00
CA GLY A 156 24.50 7.38 18.34
C GLY A 156 25.26 8.63 18.87
N PRO A 157 26.23 8.39 19.76
CA PRO A 157 27.05 9.52 20.24
C PRO A 157 27.72 10.34 19.17
N LYS A 158 28.06 9.78 18.02
CA LYS A 158 28.65 10.58 16.94
C LYS A 158 27.73 10.68 15.72
N GLU A 159 26.50 10.25 15.88
CA GLU A 159 25.60 10.16 14.80
C GLU A 159 25.00 11.54 14.61
N PRO A 160 25.13 12.05 13.41
CA PRO A 160 24.48 13.31 13.13
C PRO A 160 22.97 13.23 13.41
N PHE A 161 22.39 14.27 14.00
CA PHE A 161 20.90 14.26 14.30
C PHE A 161 20.01 13.95 13.10
N ARG A 162 20.31 14.57 11.96
CA ARG A 162 19.62 14.31 10.75
C ARG A 162 19.54 12.81 10.35
N ASP A 163 20.67 12.13 10.44
CA ASP A 163 20.75 10.71 10.16
C ASP A 163 19.91 9.89 11.12
N TYR A 164 19.99 10.23 12.41
CA TYR A 164 19.10 9.65 13.42
C TYR A 164 17.58 9.86 13.11
N VAL A 165 17.12 11.08 12.79
CA VAL A 165 15.72 11.32 12.47
C VAL A 165 15.26 10.57 11.23
N ASP A 166 16.13 10.45 10.22
CA ASP A 166 15.85 9.65 9.09
C ASP A 166 15.57 8.18 9.48
N ARG A 167 16.37 7.66 10.38
CA ARG A 167 16.22 6.27 10.84
C ARG A 167 14.90 6.13 11.59
N PHE A 168 14.65 7.12 12.47
CA PHE A 168 13.44 7.15 13.30
C PHE A 168 12.20 7.12 12.44
N TYR A 169 12.05 8.08 11.52
CA TYR A 169 10.87 8.14 10.70
C TYR A 169 10.75 7.07 9.67
N LYS A 170 11.87 6.52 9.23
CA LYS A 170 11.81 5.37 8.32
C LYS A 170 11.20 4.15 9.09
N THR A 171 11.61 4.05 10.33
CA THR A 171 11.11 2.93 11.17
C THR A 171 9.66 3.09 11.49
N LEU A 172 9.23 4.29 11.92
CA LEU A 172 7.84 4.54 12.17
C LEU A 172 6.98 4.28 10.93
N ARG A 173 7.45 4.67 9.77
CA ARG A 173 6.68 4.38 8.55
C ARG A 173 6.47 2.88 8.36
N ALA A 174 7.50 2.06 8.54
CA ALA A 174 7.37 0.65 8.31
C ALA A 174 6.47 0.01 9.38
N GLU A 175 6.62 0.48 10.64
CA GLU A 175 5.82 -0.02 11.78
C GLU A 175 4.37 0.45 11.67
N GLN A 176 4.09 1.37 10.77
CA GLN A 176 2.81 1.90 10.38
C GLN A 176 2.14 2.70 11.43
N ALA A 177 2.95 3.46 12.20
CA ALA A 177 2.37 4.50 13.10
C ALA A 177 1.47 5.43 12.27
N SER A 178 0.28 5.76 12.80
CA SER A 178 -0.59 6.87 12.31
C SER A 178 0.14 8.22 12.18
N GLN A 179 -0.47 9.12 11.42
CA GLN A 179 0.07 10.47 11.28
C GLN A 179 -0.04 11.30 12.59
N GLU A 180 -1.04 10.98 13.42
CA GLU A 180 -1.17 11.57 14.75
C GLU A 180 0.13 11.29 15.55
N VAL A 181 0.51 10.02 15.55
CA VAL A 181 1.66 9.53 16.28
C VAL A 181 2.97 10.10 15.65
N LYS A 182 3.08 10.05 14.31
CA LYS A 182 4.21 10.71 13.59
C LYS A 182 4.35 12.22 13.92
N ASN A 183 3.22 12.93 13.87
CA ASN A 183 3.15 14.37 14.30
C ASN A 183 3.44 14.61 15.83
N ALA A 184 3.00 13.67 16.69
CA ALA A 184 3.27 13.73 18.16
C ALA A 184 4.68 13.33 18.63
N ALA A 185 5.31 12.33 17.97
CA ALA A 185 6.59 11.70 18.40
C ALA A 185 7.71 12.75 18.55
N THR A 186 7.61 13.81 17.76
CA THR A 186 8.55 14.90 17.72
C THR A 186 8.69 15.58 19.07
N GLU A 187 7.63 15.58 19.88
CA GLU A 187 7.70 16.15 21.23
C GLU A 187 8.00 15.08 22.28
N THR A 188 8.23 13.81 21.91
CA THR A 188 8.42 12.83 22.93
C THR A 188 9.50 11.84 22.67
N LEU A 189 9.17 10.74 21.99
CA LEU A 189 10.10 9.66 21.81
C LEU A 189 11.37 10.12 21.04
N LEU A 190 11.20 11.03 20.10
CA LEU A 190 12.31 11.51 19.29
C LEU A 190 13.33 12.22 20.16
N VAL A 191 12.85 13.01 21.14
CA VAL A 191 13.76 13.66 22.13
C VAL A 191 14.37 12.64 23.07
N GLN A 192 13.52 11.78 23.64
CA GLN A 192 14.02 10.77 24.59
C GLN A 192 15.10 9.86 24.05
N ASN A 193 14.99 9.53 22.77
CA ASN A 193 15.93 8.64 22.10
C ASN A 193 17.11 9.33 21.47
N ALA A 194 17.18 10.66 21.55
CA ALA A 194 18.32 11.41 21.09
C ALA A 194 19.55 11.22 22.01
N ASN A 195 20.74 11.57 21.54
CA ASN A 195 21.94 11.39 22.39
C ASN A 195 21.97 12.51 23.51
N PRO A 196 22.85 12.35 24.54
CA PRO A 196 22.79 13.33 25.67
C PRO A 196 22.91 14.80 25.28
N ASP A 197 23.86 15.09 24.41
CA ASP A 197 24.16 16.43 23.95
C ASP A 197 22.97 17.10 23.22
N CYS A 198 22.38 16.36 22.27
CA CYS A 198 21.28 16.91 21.55
CA CYS A 198 21.22 16.82 21.52
C CYS A 198 20.03 16.88 22.44
N LYS A 199 19.93 15.87 23.32
CA LYS A 199 18.80 15.85 24.24
C LYS A 199 18.73 17.15 25.10
N THR A 200 19.88 17.59 25.54
CA THR A 200 19.95 18.81 26.29
C THR A 200 19.51 20.04 25.51
N ILE A 201 19.99 20.20 24.30
CA ILE A 201 19.54 21.28 23.42
C ILE A 201 18.04 21.16 23.19
N LEU A 202 17.54 19.98 22.86
CA LEU A 202 16.14 19.87 22.55
C LEU A 202 15.28 20.20 23.76
N LYS A 203 15.64 19.66 24.91
CA LYS A 203 14.93 19.97 26.16
C LYS A 203 14.76 21.45 26.42
N ALA A 204 15.81 22.20 26.15
CA ALA A 204 15.82 23.65 26.31
C ALA A 204 14.97 24.45 25.30
N LEU A 205 14.75 23.94 24.08
CA LEU A 205 13.93 24.65 23.11
C LEU A 205 12.54 24.89 23.67
N GLY A 206 12.06 23.95 24.48
CA GLY A 206 10.75 24.05 25.05
C GLY A 206 9.75 23.32 24.16
N PRO A 207 8.51 23.19 24.64
CA PRO A 207 7.51 22.47 23.84
C PRO A 207 7.00 23.34 22.68
N GLY A 208 6.47 22.67 21.66
CA GLY A 208 5.90 23.29 20.47
C GLY A 208 6.90 23.53 19.38
N ALA A 209 8.09 22.92 19.52
CA ALA A 209 9.12 23.05 18.50
C ALA A 209 8.75 22.23 17.24
N THR A 210 8.90 22.82 16.07
CA THR A 210 8.75 22.12 14.83
C THR A 210 9.96 21.18 14.65
N LEU A 211 9.84 20.29 13.67
CA LEU A 211 10.92 19.31 13.43
C LEU A 211 12.04 20.10 12.82
N GLU A 212 11.73 21.11 11.99
CA GLU A 212 12.70 21.98 11.37
C GLU A 212 13.57 22.71 12.42
N GLU A 213 12.89 23.16 13.45
CA GLU A 213 13.53 23.87 14.59
C GLU A 213 14.45 22.94 15.41
N MET A 214 13.98 21.72 15.65
CA MET A 214 14.71 20.69 16.34
C MET A 214 15.95 20.30 15.57
N MET A 215 15.80 20.14 14.25
CA MET A 215 16.90 19.77 13.39
C MET A 215 17.93 20.84 13.26
N THR A 216 17.47 22.08 13.14
CA THR A 216 18.39 23.25 13.17
C THR A 216 19.18 23.34 14.48
N ALA A 217 18.48 23.17 15.59
CA ALA A 217 19.08 23.20 16.91
C ALA A 217 20.22 22.24 17.12
N CYS A 218 20.05 21.01 16.61
CA CYS A 218 21.05 19.92 16.76
C CYS A 218 22.01 19.76 15.57
N GLN A 219 21.98 20.71 14.66
CA GLN A 219 22.98 20.82 13.57
C GLN A 219 24.22 21.31 14.30
#